data_7KHU
#
_entry.id   7KHU
#
_cell.length_a   36.319
_cell.length_b   38.432
_cell.length_c   55.808
_cell.angle_alpha   104.730
_cell.angle_beta   90.110
_cell.angle_gamma   96.040
#
_symmetry.space_group_name_H-M   'P 1'
#
loop_
_entity.id
_entity.type
_entity.pdbx_description
1 polymer 'Outer capsid protein VP4'
2 branched alpha-L-fucopyranose-(1-2)-beta-D-galactopyranose-(1-3)-[alpha-L-fucopyranose-(1-4)]2-acetamido-2-deoxy-beta-D-glucopyranose-(1-3)-beta-D-galactopyranose-(1-4)-beta-D-glucopyranose
3 water water
#
_entity_poly.entity_id   1
_entity_poly.type   'polypeptide(L)'
_entity_poly.pdbx_seq_one_letter_code
;VLDGPYQPTTFKPPNDYWLLISSNTDGVVYESTNNSDFWTAVIAVEPHVSQTNRQYVLFGENKQFNVENNSDKWKFFEMF
KGSGQSDFSNRRTLTSNNRLVGMLKYGGRVWTFHGETPRATTDSSNTADLNNISIIIHSEFYIIPRSQESKCNEYINNGL
;
_entity_poly.pdbx_strand_id   A,B
#
# COMPACT_ATOMS: atom_id res chain seq x y z
N LEU A 2 13.22 16.63 8.95
CA LEU A 2 12.83 15.24 9.37
C LEU A 2 12.74 14.24 8.20
N ASP A 3 12.78 12.97 8.58
CA ASP A 3 13.00 11.77 7.71
C ASP A 3 11.71 11.44 6.92
N GLY A 4 11.64 11.88 5.65
CA GLY A 4 10.60 11.51 4.67
C GLY A 4 10.17 12.70 3.80
N PRO A 5 9.01 12.64 3.10
CA PRO A 5 8.00 11.60 3.29
C PRO A 5 8.45 10.24 2.72
N TYR A 6 7.96 9.17 3.33
CA TYR A 6 7.92 7.81 2.75
C TYR A 6 6.58 7.72 2.02
N GLN A 7 6.54 6.98 0.92
CA GLN A 7 5.29 6.87 0.13
C GLN A 7 4.46 5.75 0.74
N PRO A 8 3.13 5.85 0.66
CA PRO A 8 2.25 4.77 1.12
C PRO A 8 2.84 3.41 0.71
N THR A 9 2.76 2.41 1.58
CA THR A 9 3.38 1.06 1.42
C THR A 9 3.03 0.19 2.65
N THR A 10 3.29 -1.10 2.57
CA THR A 10 3.27 -2.00 3.75
C THR A 10 4.64 -1.88 4.42
N PHE A 11 4.59 -1.53 5.70
CA PHE A 11 5.72 -1.13 6.57
C PHE A 11 5.66 -1.96 7.86
N LYS A 12 6.78 -2.53 8.28
CA LYS A 12 6.91 -3.16 9.62
C LYS A 12 7.69 -2.15 10.43
N PRO A 13 7.01 -1.40 11.33
CA PRO A 13 7.62 -0.24 11.98
C PRO A 13 8.58 -0.68 13.08
N PRO A 14 9.73 0.02 13.24
CA PRO A 14 10.68 -0.36 14.28
C PRO A 14 10.23 0.24 15.63
N ASN A 15 10.82 -0.28 16.70
CA ASN A 15 10.58 0.20 18.08
C ASN A 15 11.22 1.57 18.23
N ASP A 16 10.60 2.42 19.04
CA ASP A 16 11.25 3.65 19.54
C ASP A 16 11.29 4.68 18.41
N TYR A 17 10.35 4.56 17.47
CA TYR A 17 10.15 5.53 16.37
C TYR A 17 8.64 5.77 16.17
N TRP A 18 8.28 7.04 16.25
CA TRP A 18 6.95 7.61 15.89
C TRP A 18 6.77 7.53 14.38
N LEU A 19 5.62 7.05 13.92
CA LEU A 19 5.21 7.29 12.53
C LEU A 19 4.26 8.49 12.60
N LEU A 20 4.66 9.62 12.01
CA LEU A 20 3.80 10.81 11.83
C LEU A 20 3.16 10.67 10.45
N ILE A 21 1.84 10.44 10.40
CA ILE A 21 1.13 10.03 9.16
C ILE A 21 0.20 11.18 8.70
N SER A 22 0.42 11.68 7.48
CA SER A 22 -0.21 12.91 6.94
C SER A 22 -1.39 12.58 6.02
N SER A 23 -2.62 12.54 6.55
CA SER A 23 -3.86 12.13 5.82
C SER A 23 -4.33 13.25 4.89
N ASN A 24 -4.61 12.89 3.63
CA ASN A 24 -4.80 13.82 2.48
C ASN A 24 -6.25 13.77 1.98
N THR A 25 -7.10 12.94 2.60
CA THR A 25 -8.44 12.59 2.06
C THR A 25 -9.19 11.75 3.10
N ASP A 26 -10.52 11.68 2.97
CA ASP A 26 -11.37 10.75 3.76
C ASP A 26 -11.07 9.30 3.37
N GLY A 27 -11.34 8.35 4.28
CA GLY A 27 -11.11 6.92 4.06
C GLY A 27 -10.18 6.30 5.08
N VAL A 28 -9.71 5.09 4.79
CA VAL A 28 -8.73 4.35 5.63
C VAL A 28 -7.43 5.14 5.59
N VAL A 29 -6.86 5.46 6.74
CA VAL A 29 -5.53 6.15 6.82
C VAL A 29 -4.43 5.09 6.92
N TYR A 30 -4.63 4.07 7.75
CA TYR A 30 -3.72 2.90 7.78
C TYR A 30 -4.45 1.71 8.37
N GLU A 31 -3.89 0.51 8.17
CA GLU A 31 -4.41 -0.76 8.72
C GLU A 31 -3.25 -1.47 9.41
N SER A 32 -3.37 -1.68 10.72
CA SER A 32 -2.29 -2.19 11.58
C SER A 32 -2.77 -3.45 12.30
N THR A 33 -2.06 -4.57 12.15
CA THR A 33 -2.39 -5.84 12.84
C THR A 33 -1.16 -6.73 13.00
N ASN A 34 -1.22 -7.65 13.95
CA ASN A 34 -0.23 -8.74 14.15
C ASN A 34 -0.88 -10.09 13.84
N ASN A 35 -2.18 -10.08 13.54
CA ASN A 35 -2.99 -11.27 13.17
C ASN A 35 -3.22 -12.16 14.39
N SER A 36 -2.84 -11.73 15.60
CA SER A 36 -3.12 -12.47 16.86
C SER A 36 -4.08 -11.68 17.75
N ASP A 37 -3.59 -10.66 18.47
CA ASP A 37 -4.37 -9.97 19.53
C ASP A 37 -4.65 -8.48 19.24
N PHE A 38 -4.28 -7.96 18.07
CA PHE A 38 -4.29 -6.50 17.80
C PHE A 38 -4.63 -6.25 16.33
N TRP A 39 -5.74 -5.56 16.12
CA TRP A 39 -6.10 -4.89 14.84
C TRP A 39 -6.43 -3.45 15.14
N THR A 40 -5.86 -2.52 14.39
CA THR A 40 -6.23 -1.09 14.46
C THR A 40 -6.17 -0.50 13.05
N ALA A 41 -7.27 0.16 12.67
CA ALA A 41 -7.44 0.89 11.41
C ALA A 41 -7.98 2.28 11.75
N VAL A 42 -7.41 3.31 11.15
CA VAL A 42 -7.80 4.72 11.39
C VAL A 42 -8.66 5.17 10.22
N ILE A 43 -9.91 5.50 10.50
CA ILE A 43 -10.81 6.03 9.47
C ILE A 43 -10.80 7.55 9.65
N ALA A 44 -10.58 8.27 8.57
CA ALA A 44 -10.63 9.74 8.54
C ALA A 44 -12.01 10.13 8.00
N VAL A 45 -12.62 11.13 8.62
CA VAL A 45 -13.97 11.65 8.22
C VAL A 45 -13.89 13.18 8.18
N GLU A 46 -14.26 13.76 7.04
CA GLU A 46 -14.17 15.23 6.82
C GLU A 46 -15.21 15.93 7.68
N PRO A 47 -15.04 17.24 7.94
CA PRO A 47 -16.03 18.01 8.70
C PRO A 47 -17.42 17.97 8.07
N HIS A 48 -18.44 18.17 8.90
CA HIS A 48 -19.86 18.35 8.50
C HIS A 48 -20.32 17.12 7.71
N VAL A 49 -20.14 15.97 8.33
CA VAL A 49 -20.74 14.68 7.89
C VAL A 49 -21.76 14.28 8.94
N SER A 50 -23.05 14.39 8.62
CA SER A 50 -24.16 13.90 9.50
C SER A 50 -24.19 12.37 9.41
N GLN A 51 -24.70 11.70 10.45
CA GLN A 51 -24.65 10.23 10.61
C GLN A 51 -25.01 9.63 9.24
N THR A 52 -24.13 8.81 8.68
CA THR A 52 -24.37 8.03 7.43
C THR A 52 -23.44 6.82 7.41
N ASN A 53 -23.81 5.85 6.57
CA ASN A 53 -23.05 4.58 6.37
C ASN A 53 -22.04 4.79 5.24
N ARG A 54 -20.81 4.33 5.42
CA ARG A 54 -19.74 4.39 4.39
C ARG A 54 -19.05 3.04 4.34
N GLN A 55 -18.53 2.71 3.17
CA GLN A 55 -17.87 1.42 2.91
C GLN A 55 -16.36 1.64 3.05
N TYR A 56 -15.66 0.77 3.76
CA TYR A 56 -14.18 0.86 3.92
C TYR A 56 -13.61 -0.53 3.72
N VAL A 57 -12.35 -0.62 3.30
CA VAL A 57 -11.74 -1.95 3.05
C VAL A 57 -10.64 -2.19 4.07
N LEU A 58 -10.97 -2.92 5.14
CA LEU A 58 -10.08 -3.13 6.29
C LEU A 58 -9.58 -4.58 6.24
N PHE A 59 -8.28 -4.77 6.16
CA PHE A 59 -7.61 -6.07 6.25
C PHE A 59 -8.18 -6.98 5.16
N GLY A 60 -8.45 -6.47 3.97
CA GLY A 60 -8.80 -7.32 2.81
C GLY A 60 -10.27 -7.66 2.69
N GLU A 61 -11.12 -7.10 3.56
CA GLU A 61 -12.60 -7.27 3.61
C GLU A 61 -13.24 -5.88 3.54
N ASN A 62 -14.27 -5.69 2.72
CA ASN A 62 -15.09 -4.44 2.76
C ASN A 62 -15.88 -4.44 4.07
N LYS A 63 -16.07 -3.27 4.71
CA LYS A 63 -16.90 -3.12 5.94
C LYS A 63 -17.59 -1.75 5.96
N GLN A 64 -18.81 -1.74 6.50
CA GLN A 64 -19.64 -0.53 6.63
C GLN A 64 -19.51 -0.01 8.06
N PHE A 65 -19.31 1.30 8.20
CA PHE A 65 -19.43 1.97 9.50
C PHE A 65 -20.40 3.12 9.30
N ASN A 66 -21.23 3.31 10.30
CA ASN A 66 -22.04 4.53 10.43
C ASN A 66 -21.13 5.55 11.11
N VAL A 67 -20.81 6.64 10.40
CA VAL A 67 -19.90 7.71 10.88
C VAL A 67 -20.64 9.03 10.89
N GLU A 68 -20.28 9.91 11.83
CA GLU A 68 -20.69 11.34 11.84
C GLU A 68 -19.53 12.20 12.36
N ASN A 69 -19.39 13.37 11.75
CA ASN A 69 -18.52 14.48 12.22
C ASN A 69 -19.31 15.78 12.05
N ASN A 70 -19.85 16.33 13.13
CA ASN A 70 -20.60 17.62 13.13
C ASN A 70 -19.64 18.80 13.38
N SER A 71 -18.37 18.53 13.71
CA SER A 71 -17.34 19.57 13.96
C SER A 71 -16.81 20.15 12.64
N ASP A 72 -16.10 21.28 12.75
CA ASP A 72 -15.40 21.96 11.62
C ASP A 72 -13.99 21.39 11.53
N LYS A 73 -13.73 20.29 12.23
CA LYS A 73 -12.39 19.67 12.28
C LYS A 73 -12.49 18.25 11.75
N TRP A 74 -11.51 17.83 10.96
CA TRP A 74 -11.29 16.41 10.59
C TRP A 74 -11.32 15.58 11.87
N LYS A 75 -11.93 14.39 11.80
CA LYS A 75 -11.91 13.40 12.90
C LYS A 75 -11.27 12.11 12.38
N PHE A 76 -10.37 11.54 13.16
CA PHE A 76 -9.66 10.27 12.88
C PHE A 76 -10.11 9.27 13.94
N PHE A 77 -10.96 8.33 13.54
CA PHE A 77 -11.53 7.27 14.39
C PHE A 77 -10.60 6.07 14.33
N GLU A 78 -10.04 5.68 15.47
CA GLU A 78 -9.26 4.42 15.66
C GLU A 78 -10.24 3.27 15.82
N MET A 79 -10.23 2.28 14.94
CA MET A 79 -11.16 1.14 14.99
C MET A 79 -10.36 -0.08 15.43
N PHE A 80 -10.56 -0.51 16.66
CA PHE A 80 -9.77 -1.60 17.29
C PHE A 80 -10.63 -2.87 17.37
N LYS A 81 -9.99 -4.02 17.15
CA LYS A 81 -10.53 -5.32 17.63
C LYS A 81 -9.36 -6.17 18.16
N GLY A 82 -9.67 -7.04 19.11
CA GLY A 82 -8.70 -7.81 19.91
C GLY A 82 -8.58 -9.27 19.48
N SER A 83 -9.42 -9.77 18.57
CA SER A 83 -9.21 -11.06 17.83
C SER A 83 -9.82 -11.00 16.42
N GLY A 84 -9.36 -11.89 15.53
CA GLY A 84 -9.77 -11.92 14.11
C GLY A 84 -11.27 -12.11 14.02
N GLN A 85 -11.79 -13.02 14.87
CA GLN A 85 -13.23 -13.34 15.10
C GLN A 85 -13.67 -12.56 16.33
N SER A 86 -13.84 -11.25 16.17
CA SER A 86 -14.42 -10.27 17.14
C SER A 86 -14.70 -8.99 16.35
N ASP A 87 -15.65 -8.15 16.75
CA ASP A 87 -16.16 -7.03 15.90
C ASP A 87 -15.49 -5.70 16.32
N PHE A 88 -15.36 -4.76 15.38
CA PHE A 88 -14.60 -3.49 15.52
C PHE A 88 -15.33 -2.52 16.44
N SER A 89 -14.56 -1.74 17.22
CA SER A 89 -15.01 -0.63 18.12
C SER A 89 -14.14 0.60 17.87
N ASN A 90 -14.79 1.77 17.85
CA ASN A 90 -14.18 3.12 17.93
C ASN A 90 -13.61 3.28 19.34
N ARG A 91 -12.31 3.01 19.51
CA ARG A 91 -11.61 3.00 20.82
C ARG A 91 -11.16 4.41 21.16
N ARG A 92 -10.63 5.16 20.18
CA ARG A 92 -10.13 6.54 20.36
C ARG A 92 -10.49 7.40 19.15
N THR A 93 -10.53 8.73 19.36
CA THR A 93 -10.77 9.77 18.33
C THR A 93 -9.78 10.92 18.49
N LEU A 94 -9.06 11.23 17.41
CA LEU A 94 -8.30 12.48 17.23
C LEU A 94 -9.13 13.43 16.36
N THR A 95 -9.40 14.63 16.89
CA THR A 95 -10.05 15.77 16.20
C THR A 95 -8.98 16.84 15.97
N SER A 96 -8.60 17.06 14.71
CA SER A 96 -7.42 17.87 14.29
C SER A 96 -7.58 18.34 12.84
N ASN A 97 -7.23 19.60 12.59
CA ASN A 97 -7.18 20.18 11.23
C ASN A 97 -5.74 20.16 10.73
N ASN A 98 -4.82 19.63 11.53
CA ASN A 98 -3.40 19.42 11.15
C ASN A 98 -3.27 18.09 10.44
N ARG A 99 -4.29 17.23 10.56
CA ARG A 99 -4.47 16.03 9.71
C ARG A 99 -3.23 15.13 9.80
N LEU A 100 -2.63 15.05 10.99
CA LEU A 100 -1.52 14.12 11.30
C LEU A 100 -2.01 13.19 12.40
N VAL A 101 -1.75 11.89 12.25
CA VAL A 101 -1.85 10.90 13.35
C VAL A 101 -0.44 10.45 13.68
N GLY A 102 -0.29 9.75 14.80
CA GLY A 102 1.00 9.23 15.27
C GLY A 102 0.87 7.79 15.75
N MET A 103 1.91 7.01 15.55
CA MET A 103 1.95 5.60 16.00
C MET A 103 3.40 5.32 16.38
N LEU A 104 3.54 4.68 17.53
CA LEU A 104 4.82 4.36 18.16
C LEU A 104 4.71 2.97 18.77
N LYS A 105 5.59 2.06 18.37
CA LYS A 105 5.86 0.77 19.07
C LYS A 105 6.90 1.04 20.17
N TYR A 106 6.52 0.78 21.43
CA TYR A 106 7.32 1.14 22.63
C TYR A 106 6.83 0.38 23.87
N GLY A 107 7.77 -0.36 24.47
CA GLY A 107 7.68 -0.99 25.80
C GLY A 107 6.61 -2.05 25.80
N GLY A 108 6.44 -2.74 24.66
CA GLY A 108 5.43 -3.81 24.49
C GLY A 108 4.01 -3.26 24.37
N ARG A 109 3.88 -2.01 23.91
CA ARG A 109 2.59 -1.30 23.68
C ARG A 109 2.70 -0.40 22.44
N VAL A 110 1.56 -0.18 21.77
CA VAL A 110 1.40 0.85 20.70
C VAL A 110 0.80 2.12 21.30
N TRP A 111 1.52 3.22 21.16
CA TRP A 111 1.06 4.56 21.58
C TRP A 111 0.51 5.33 20.37
N THR A 112 -0.55 6.11 20.58
CA THR A 112 -1.19 6.93 19.53
C THR A 112 -1.62 8.25 20.15
N PHE A 113 -1.97 9.22 19.32
CA PHE A 113 -2.50 10.53 19.76
C PHE A 113 -4.02 10.44 19.66
N HIS A 114 -4.73 10.90 20.70
CA HIS A 114 -6.20 11.06 20.72
C HIS A 114 -6.60 12.38 21.41
N GLY A 115 -7.89 12.73 21.35
CA GLY A 115 -8.42 13.98 21.91
C GLY A 115 -8.41 15.08 20.86
N GLU A 116 -8.55 16.32 21.28
CA GLU A 116 -8.68 17.47 20.36
C GLU A 116 -7.38 18.28 20.41
N THR A 117 -6.85 18.62 19.24
CA THR A 117 -5.76 19.61 19.06
C THR A 117 -6.27 20.98 19.50
N PRO A 118 -5.42 21.83 20.13
CA PRO A 118 -3.99 21.56 20.24
C PRO A 118 -3.59 20.88 21.57
N ARG A 119 -4.50 20.14 22.20
CA ARG A 119 -4.23 19.47 23.49
C ARG A 119 -4.44 17.96 23.35
N ALA A 120 -4.14 17.43 22.15
CA ALA A 120 -4.08 15.98 21.90
C ALA A 120 -2.97 15.37 22.74
N THR A 121 -3.18 14.18 23.30
CA THR A 121 -2.23 13.47 24.20
C THR A 121 -2.07 12.01 23.79
N THR A 122 -0.95 11.41 24.20
CA THR A 122 -0.59 9.99 23.95
C THR A 122 -1.32 9.06 24.94
N ASP A 123 -1.70 7.90 24.42
CA ASP A 123 -2.39 6.83 25.15
C ASP A 123 -1.81 5.52 24.61
N SER A 124 -1.77 4.46 25.41
CA SER A 124 -1.20 3.17 24.97
C SER A 124 -2.34 2.16 24.73
N SER A 125 -2.02 1.06 24.02
CA SER A 125 -2.84 -0.17 23.88
C SER A 125 -1.92 -1.37 24.11
N ASN A 126 -2.31 -2.33 24.91
CA ASN A 126 -1.42 -3.50 25.14
C ASN A 126 -1.56 -4.48 23.97
N THR A 127 -0.52 -5.30 23.80
CA THR A 127 -0.39 -6.44 22.87
C THR A 127 0.65 -7.35 23.49
N ALA A 128 0.54 -8.66 23.25
CA ALA A 128 1.54 -9.66 23.65
C ALA A 128 2.36 -10.07 22.42
N ASP A 129 2.20 -9.37 21.29
CA ASP A 129 2.93 -9.66 20.02
C ASP A 129 3.14 -8.33 19.27
N LEU A 130 3.86 -7.40 19.91
CA LEU A 130 4.15 -6.04 19.39
C LEU A 130 5.09 -6.11 18.18
N ASN A 131 6.03 -7.06 18.19
CA ASN A 131 7.10 -7.11 17.17
C ASN A 131 6.55 -7.57 15.83
N ASN A 132 5.45 -8.32 15.79
CA ASN A 132 4.90 -8.85 14.49
C ASN A 132 3.72 -7.99 14.05
N ILE A 133 3.67 -6.72 14.46
CA ILE A 133 2.66 -5.71 13.99
C ILE A 133 3.21 -5.09 12.70
N SER A 134 2.58 -5.43 11.58
CA SER A 134 2.76 -4.79 10.25
C SER A 134 1.65 -3.77 10.03
N ILE A 135 1.80 -2.85 9.06
CA ILE A 135 0.88 -1.70 8.86
C ILE A 135 0.87 -1.30 7.39
N ILE A 136 -0.32 -1.30 6.78
CA ILE A 136 -0.55 -0.68 5.45
C ILE A 136 -0.89 0.79 5.69
N ILE A 137 0.00 1.70 5.32
CA ILE A 137 -0.20 3.17 5.42
C ILE A 137 -0.62 3.72 4.05
N HIS A 138 -1.67 4.55 4.01
CA HIS A 138 -2.37 5.00 2.77
C HIS A 138 -1.97 6.42 2.39
N SER A 139 -1.28 7.14 3.27
CA SER A 139 -0.77 8.52 3.02
C SER A 139 0.74 8.56 3.21
N GLU A 140 1.36 9.69 2.84
CA GLU A 140 2.79 10.00 3.06
C GLU A 140 3.04 9.98 4.57
N PHE A 141 4.15 9.42 5.03
CA PHE A 141 4.47 9.43 6.46
C PHE A 141 5.92 9.84 6.70
N TYR A 142 6.20 10.30 7.93
CA TYR A 142 7.52 10.77 8.42
C TYR A 142 7.94 9.86 9.56
N ILE A 143 9.22 9.59 9.69
CA ILE A 143 9.75 8.81 10.84
C ILE A 143 10.45 9.78 11.80
N ILE A 144 10.06 9.77 13.07
CA ILE A 144 10.69 10.58 14.14
C ILE A 144 11.19 9.63 15.23
N PRO A 145 12.46 9.77 15.68
CA PRO A 145 12.99 8.98 16.80
C PRO A 145 12.36 9.45 18.12
N ARG A 146 12.30 8.56 19.11
CA ARG A 146 11.82 8.92 20.47
C ARG A 146 12.69 10.05 20.98
N SER A 147 13.99 9.97 20.68
CA SER A 147 15.00 11.03 20.94
C SER A 147 14.45 12.43 20.63
N GLN A 148 13.52 12.55 19.67
CA GLN A 148 12.96 13.84 19.15
C GLN A 148 11.43 13.89 19.34
N GLU A 149 10.91 13.12 20.28
CA GLU A 149 9.47 12.91 20.60
C GLU A 149 8.74 14.23 20.87
N SER A 150 9.42 15.27 21.38
CA SER A 150 8.83 16.61 21.64
C SER A 150 8.37 17.24 20.31
N LYS A 151 9.12 16.95 19.24
CA LYS A 151 8.83 17.43 17.86
C LYS A 151 7.54 16.75 17.36
N CYS A 152 7.39 15.43 17.57
CA CYS A 152 6.18 14.66 17.17
C CYS A 152 4.95 15.33 17.79
N ASN A 153 5.09 15.75 19.05
CA ASN A 153 4.00 16.40 19.83
C ASN A 153 3.62 17.72 19.16
N GLU A 154 4.61 18.58 18.92
CA GLU A 154 4.38 19.93 18.36
C GLU A 154 3.66 19.79 17.02
N TYR A 155 3.95 18.74 16.25
CA TYR A 155 3.40 18.54 14.88
C TYR A 155 1.96 18.06 14.95
N ILE A 156 1.64 17.08 15.80
CA ILE A 156 0.24 16.58 15.98
C ILE A 156 -0.68 17.78 16.30
N ASN A 157 -0.26 18.65 17.21
CA ASN A 157 -1.11 19.72 17.81
C ASN A 157 -1.00 21.08 17.07
N ASN A 158 0.07 21.33 16.30
CA ASN A 158 0.33 22.64 15.65
C ASN A 158 0.65 22.54 14.15
N GLY A 159 0.94 21.36 13.59
CA GLY A 159 0.99 21.12 12.13
C GLY A 159 2.41 21.15 11.56
N VAL B 1 -13.77 -18.72 -6.75
CA VAL B 1 -14.29 -18.18 -8.05
C VAL B 1 -13.75 -16.77 -8.34
N LEU B 2 -13.33 -16.57 -9.58
CA LEU B 2 -12.39 -15.52 -10.03
C LEU B 2 -12.74 -15.09 -11.46
N ASP B 3 -12.82 -13.78 -11.70
CA ASP B 3 -13.20 -13.14 -13.00
C ASP B 3 -12.05 -13.27 -14.01
N GLY B 4 -12.14 -14.25 -14.93
CA GLY B 4 -11.22 -14.45 -16.08
C GLY B 4 -10.86 -15.93 -16.29
N PRO B 5 -9.81 -16.25 -17.06
CA PRO B 5 -8.82 -15.27 -17.51
C PRO B 5 -9.35 -14.36 -18.61
N TYR B 6 -8.85 -13.14 -18.66
CA TYR B 6 -8.94 -12.23 -19.82
C TYR B 6 -7.71 -12.49 -20.66
N GLN B 7 -7.84 -12.35 -21.97
CA GLN B 7 -6.72 -12.65 -22.88
C GLN B 7 -5.83 -11.41 -22.96
N PRO B 8 -4.52 -11.59 -23.19
CA PRO B 8 -3.63 -10.47 -23.41
C PRO B 8 -4.30 -9.45 -24.34
N THR B 9 -4.14 -8.16 -24.05
CA THR B 9 -4.79 -7.01 -24.76
C THR B 9 -4.31 -5.69 -24.15
N THR B 10 -4.59 -4.59 -24.82
CA THR B 10 -4.44 -3.24 -24.23
C THR B 10 -5.73 -2.96 -23.46
N PHE B 11 -5.60 -2.65 -22.16
CA PHE B 11 -6.71 -2.87 -21.20
C PHE B 11 -7.31 -1.55 -20.72
N LYS B 12 -6.57 -0.64 -20.08
CA LYS B 12 -7.16 0.54 -19.39
C LYS B 12 -7.92 0.12 -18.13
N PRO B 13 -7.23 -0.06 -16.99
CA PRO B 13 -7.83 -0.68 -15.83
C PRO B 13 -8.73 0.29 -15.05
N PRO B 14 -9.83 -0.19 -14.44
CA PRO B 14 -10.63 0.66 -13.57
C PRO B 14 -9.97 0.75 -12.18
N ASN B 15 -10.43 1.75 -11.44
CA ASN B 15 -10.01 2.00 -10.04
C ASN B 15 -10.58 0.88 -9.16
N ASP B 16 -9.83 0.52 -8.12
CA ASP B 16 -10.34 -0.30 -7.01
C ASP B 16 -10.45 -1.75 -7.47
N TYR B 17 -9.67 -2.12 -8.49
CA TYR B 17 -9.56 -3.51 -8.99
C TYR B 17 -8.09 -3.85 -9.22
N TRP B 18 -7.66 -4.92 -8.56
CA TRP B 18 -6.37 -5.62 -8.76
C TRP B 18 -6.39 -6.32 -10.12
N LEU B 19 -5.33 -6.17 -10.89
CA LEU B 19 -5.09 -7.06 -12.05
C LEU B 19 -4.08 -8.09 -11.51
N LEU B 20 -4.51 -9.35 -11.39
CA LEU B 20 -3.65 -10.50 -11.05
C LEU B 20 -3.19 -11.12 -12.38
N ILE B 21 -1.90 -11.02 -12.70
CA ILE B 21 -1.35 -11.29 -14.06
C ILE B 21 -0.46 -12.54 -14.01
N SER B 22 -0.78 -13.57 -14.81
CA SER B 22 -0.17 -14.92 -14.79
C SER B 22 0.89 -15.10 -15.89
N SER B 23 2.16 -14.83 -15.61
CA SER B 23 3.29 -14.95 -16.59
C SER B 23 3.66 -16.41 -16.87
N ASN B 24 3.78 -16.77 -18.16
CA ASN B 24 3.92 -18.16 -18.66
C ASN B 24 5.31 -18.37 -19.31
N THR B 25 6.17 -17.36 -19.32
CA THR B 25 7.46 -17.36 -20.07
C THR B 25 8.28 -16.12 -19.71
N ASP B 26 9.59 -16.12 -19.99
CA ASP B 26 10.47 -14.94 -19.86
C ASP B 26 10.07 -13.87 -20.88
N GLY B 27 10.36 -12.61 -20.58
CA GLY B 27 10.05 -11.47 -21.46
C GLY B 27 9.22 -10.40 -20.76
N VAL B 28 8.71 -9.45 -21.53
CA VAL B 28 7.82 -8.35 -21.06
C VAL B 28 6.56 -9.00 -20.57
N VAL B 29 6.14 -8.70 -19.33
CA VAL B 29 4.86 -9.22 -18.76
C VAL B 29 3.75 -8.20 -19.06
N TYR B 30 4.03 -6.91 -18.88
CA TYR B 30 3.10 -5.83 -19.30
C TYR B 30 3.88 -4.53 -19.47
N GLU B 31 3.26 -3.56 -20.14
CA GLU B 31 3.80 -2.19 -20.34
C GLU B 31 2.71 -1.22 -19.94
N SER B 32 2.99 -0.38 -18.95
CA SER B 32 1.99 0.52 -18.32
C SER B 32 2.50 1.97 -18.40
N THR B 33 1.72 2.88 -18.98
CA THR B 33 2.07 4.32 -19.07
C THR B 33 0.82 5.20 -19.25
N ASN B 34 0.93 6.47 -18.86
CA ASN B 34 -0.06 7.54 -19.15
C ASN B 34 0.50 8.53 -20.16
N ASN B 35 1.77 8.35 -20.54
CA ASN B 35 2.51 9.20 -21.51
C ASN B 35 2.79 10.59 -20.92
N SER B 36 2.52 10.82 -19.64
CA SER B 36 2.93 12.08 -18.93
C SER B 36 4.01 11.81 -17.89
N ASP B 37 3.65 11.25 -16.70
CA ASP B 37 4.54 11.18 -15.51
C ASP B 37 4.88 9.73 -15.10
N PHE B 38 4.42 8.71 -15.83
CA PHE B 38 4.46 7.30 -15.35
C PHE B 38 4.65 6.33 -16.51
N TRP B 39 5.76 5.60 -16.48
CA TRP B 39 6.02 4.39 -17.31
C TRP B 39 6.43 3.27 -16.39
N THR B 40 5.84 2.09 -16.54
CA THR B 40 6.28 0.88 -15.81
C THR B 40 6.09 -0.34 -16.73
N ALA B 41 7.16 -1.14 -16.86
CA ALA B 41 7.19 -2.42 -17.58
C ALA B 41 7.83 -3.47 -16.68
N VAL B 42 7.24 -4.66 -16.66
CA VAL B 42 7.66 -5.78 -15.80
C VAL B 42 8.36 -6.79 -16.71
N ILE B 43 9.63 -7.00 -16.44
CA ILE B 43 10.42 -8.01 -17.19
C ILE B 43 10.45 -9.23 -16.29
N ALA B 44 10.10 -10.38 -16.84
CA ALA B 44 10.23 -11.70 -16.19
C ALA B 44 11.57 -12.31 -16.62
N VAL B 45 12.29 -12.90 -15.68
CA VAL B 45 13.59 -13.60 -15.96
C VAL B 45 13.56 -14.95 -15.22
N GLU B 46 13.83 -16.04 -15.93
CA GLU B 46 13.76 -17.41 -15.35
C GLU B 46 14.90 -17.61 -14.35
N PRO B 47 14.78 -18.61 -13.45
CA PRO B 47 15.85 -18.92 -12.49
C PRO B 47 17.16 -19.26 -13.17
N HIS B 48 18.27 -19.05 -12.45
CA HIS B 48 19.64 -19.45 -12.84
C HIS B 48 19.98 -18.81 -14.17
N VAL B 49 19.82 -17.50 -14.22
CA VAL B 49 20.37 -16.62 -15.29
C VAL B 49 21.48 -15.78 -14.66
N SER B 50 22.73 -16.11 -14.95
CA SER B 50 23.92 -15.30 -14.60
C SER B 50 23.94 -14.07 -15.52
N GLN B 51 24.60 -12.99 -15.07
CA GLN B 51 24.76 -11.68 -15.75
C GLN B 51 24.70 -11.90 -17.27
N THR B 52 23.69 -11.35 -17.96
CA THR B 52 23.55 -11.45 -19.44
C THR B 52 22.69 -10.29 -19.97
N ASN B 53 22.92 -9.90 -21.21
CA ASN B 53 22.17 -8.81 -21.90
C ASN B 53 21.05 -9.44 -22.71
N ARG B 54 19.85 -8.87 -22.66
CA ARG B 54 18.67 -9.37 -23.42
C ARG B 54 17.97 -8.18 -24.05
N GLN B 55 17.34 -8.40 -25.19
CA GLN B 55 16.58 -7.36 -25.92
C GLN B 55 15.11 -7.48 -25.50
N TYR B 56 14.45 -6.38 -25.22
CA TYR B 56 12.99 -6.34 -24.89
C TYR B 56 12.37 -5.17 -25.66
N VAL B 57 11.09 -5.23 -25.95
CA VAL B 57 10.42 -4.13 -26.71
C VAL B 57 9.44 -3.42 -25.78
N LEU B 58 9.86 -2.28 -25.26
CA LEU B 58 9.07 -1.49 -24.29
C LEU B 58 8.55 -0.24 -24.99
N PHE B 59 7.23 -0.08 -25.03
CA PHE B 59 6.56 1.14 -25.53
C PHE B 59 7.02 1.41 -26.97
N GLY B 60 7.16 0.37 -27.78
CA GLY B 60 7.34 0.53 -29.24
C GLY B 60 8.79 0.63 -29.68
N GLU B 61 9.74 0.59 -28.74
CA GLU B 61 11.20 0.66 -28.98
C GLU B 61 11.89 -0.56 -28.38
N ASN B 62 12.92 -1.12 -29.01
CA ASN B 62 13.79 -2.12 -28.36
C ASN B 62 14.53 -1.46 -27.20
N LYS B 63 14.78 -2.24 -26.15
CA LYS B 63 15.66 -1.86 -25.03
C LYS B 63 16.49 -3.09 -24.66
N GLN B 64 17.78 -2.86 -24.37
CA GLN B 64 18.66 -3.93 -23.82
C GLN B 64 18.74 -3.72 -22.31
N PHE B 65 18.62 -4.80 -21.55
CA PHE B 65 18.86 -4.78 -20.10
C PHE B 65 19.84 -5.90 -19.82
N ASN B 66 20.79 -5.59 -18.95
CA ASN B 66 21.68 -6.60 -18.37
C ASN B 66 20.91 -7.13 -17.15
N VAL B 67 20.58 -8.41 -17.17
CA VAL B 67 19.73 -9.05 -16.13
C VAL B 67 20.50 -10.22 -15.53
N GLU B 68 20.14 -10.55 -14.29
CA GLU B 68 20.70 -11.65 -13.48
C GLU B 68 19.61 -12.17 -12.54
N ASN B 69 19.47 -13.47 -12.45
CA ASN B 69 18.63 -14.18 -11.44
C ASN B 69 19.42 -15.43 -11.01
N ASN B 70 20.06 -15.38 -9.83
CA ASN B 70 20.83 -16.50 -9.24
C ASN B 70 19.93 -17.40 -8.37
N SER B 71 18.69 -16.97 -8.10
CA SER B 71 17.71 -17.71 -7.25
C SER B 71 17.08 -18.85 -8.06
N ASP B 72 16.40 -19.74 -7.35
CA ASP B 72 15.60 -20.89 -7.87
C ASP B 72 14.20 -20.40 -8.18
N LYS B 73 13.99 -19.09 -8.10
CA LYS B 73 12.64 -18.50 -8.25
C LYS B 73 12.68 -17.51 -9.40
N TRP B 74 11.61 -17.51 -10.19
CA TRP B 74 11.33 -16.46 -11.20
C TRP B 74 11.47 -15.10 -10.52
N LYS B 75 12.02 -14.12 -11.25
CA LYS B 75 12.11 -12.73 -10.77
C LYS B 75 11.40 -11.84 -11.79
N PHE B 76 10.60 -10.91 -11.27
CA PHE B 76 9.80 -9.94 -12.03
C PHE B 76 10.35 -8.56 -11.67
N PHE B 77 11.12 -7.98 -12.60
CA PHE B 77 11.77 -6.67 -12.43
C PHE B 77 10.82 -5.59 -12.94
N GLU B 78 10.42 -4.68 -12.06
CA GLU B 78 9.66 -3.45 -12.43
C GLU B 78 10.65 -2.41 -12.97
N MET B 79 10.48 -1.98 -14.21
CA MET B 79 11.36 -0.97 -14.85
C MET B 79 10.54 0.33 -14.97
N PHE B 80 10.87 1.31 -14.14
CA PHE B 80 10.10 2.58 -14.04
C PHE B 80 10.90 3.71 -14.69
N LYS B 81 10.19 4.63 -15.34
CA LYS B 81 10.71 5.99 -15.62
C LYS B 81 9.58 7.01 -15.41
N GLY B 82 9.94 8.24 -15.04
CA GLY B 82 9.02 9.32 -14.62
C GLY B 82 8.83 10.38 -15.70
N SER B 83 9.59 10.33 -16.81
CA SER B 83 9.46 11.23 -17.98
C SER B 83 9.65 10.44 -19.29
N GLY B 84 9.08 10.95 -20.39
CA GLY B 84 9.36 10.48 -21.76
C GLY B 84 10.86 10.52 -22.05
N GLN B 85 11.54 11.58 -21.60
CA GLN B 85 13.00 11.90 -21.75
C GLN B 85 13.88 10.93 -20.92
N SER B 86 13.48 10.71 -19.67
CA SER B 86 14.20 10.01 -18.58
C SER B 86 14.53 8.57 -19.01
N ASP B 87 15.51 7.93 -18.37
CA ASP B 87 15.96 6.53 -18.65
C ASP B 87 15.41 5.59 -17.56
N PHE B 88 15.24 4.30 -17.90
CA PHE B 88 14.58 3.26 -17.06
C PHE B 88 15.47 2.87 -15.89
N SER B 89 14.84 2.60 -14.73
CA SER B 89 15.43 2.09 -13.46
C SER B 89 14.60 0.92 -12.94
N ASN B 90 15.30 -0.11 -12.45
CA ASN B 90 14.76 -1.26 -11.68
C ASN B 90 14.33 -0.73 -10.31
N ARG B 91 13.05 -0.38 -10.16
CA ARG B 91 12.47 0.28 -8.95
C ARG B 91 12.13 -0.79 -7.91
N ARG B 92 11.54 -1.91 -8.33
CA ARG B 92 11.08 -3.02 -7.46
C ARG B 92 11.38 -4.39 -8.09
N THR B 93 11.48 -5.43 -7.25
CA THR B 93 11.62 -6.86 -7.66
C THR B 93 10.67 -7.76 -6.87
N LEU B 94 9.84 -8.53 -7.60
CA LEU B 94 9.07 -9.68 -7.05
C LEU B 94 9.79 -10.96 -7.42
N THR B 95 10.11 -11.77 -6.41
CA THR B 95 10.72 -13.12 -6.53
C THR B 95 9.67 -14.15 -6.09
N SER B 96 9.16 -14.95 -7.03
CA SER B 96 7.98 -15.83 -6.86
C SER B 96 8.00 -16.98 -7.89
N ASN B 97 7.67 -18.20 -7.44
CA ASN B 97 7.44 -19.37 -8.33
C ASN B 97 5.94 -19.57 -8.53
N ASN B 98 5.11 -18.67 -8.01
CA ASN B 98 3.65 -18.62 -8.31
C ASN B 98 3.43 -17.79 -9.57
N ARG B 99 4.42 -17.02 -9.97
CA ARG B 99 4.49 -16.35 -11.30
C ARG B 99 3.23 -15.51 -11.54
N LEU B 100 2.73 -14.86 -10.48
CA LEU B 100 1.64 -13.87 -10.56
C LEU B 100 2.18 -12.51 -10.11
N VAL B 101 1.87 -11.45 -10.85
CA VAL B 101 2.10 -10.04 -10.42
C VAL B 101 0.73 -9.41 -10.17
N GLY B 102 0.71 -8.25 -9.53
CA GLY B 102 -0.53 -7.52 -9.22
C GLY B 102 -0.39 -6.04 -9.54
N MET B 103 -1.47 -5.42 -9.95
CA MET B 103 -1.50 -3.98 -10.26
C MET B 103 -2.90 -3.49 -9.91
N LEU B 104 -2.94 -2.36 -9.22
CA LEU B 104 -4.14 -1.73 -8.68
C LEU B 104 -3.98 -0.21 -8.83
N LYS B 105 -4.92 0.43 -9.52
CA LYS B 105 -5.13 1.91 -9.45
C LYS B 105 -6.05 2.23 -8.28
N TYR B 106 -5.54 3.01 -7.32
CA TYR B 106 -6.23 3.34 -6.04
C TYR B 106 -5.62 4.58 -5.38
N GLY B 107 -6.53 5.54 -5.12
CA GLY B 107 -6.29 6.74 -4.29
C GLY B 107 -5.24 7.62 -4.89
N GLY B 108 -5.23 7.69 -6.22
CA GLY B 108 -4.28 8.51 -7.00
C GLY B 108 -2.88 7.94 -7.00
N ARG B 109 -2.74 6.62 -6.79
CA ARG B 109 -1.46 5.86 -6.85
C ARG B 109 -1.68 4.48 -7.46
N VAL B 110 -0.63 3.93 -8.09
CA VAL B 110 -0.57 2.51 -8.54
C VAL B 110 0.15 1.67 -7.49
N TRP B 111 -0.54 0.66 -6.99
CA TRP B 111 0.03 -0.32 -6.04
C TRP B 111 0.45 -1.59 -6.79
N THR B 112 1.56 -2.19 -6.39
CA THR B 112 2.06 -3.46 -6.96
C THR B 112 2.57 -4.34 -5.83
N PHE B 113 2.91 -5.59 -6.13
CA PHE B 113 3.55 -6.50 -5.17
C PHE B 113 5.05 -6.46 -5.46
N HIS B 114 5.87 -6.37 -4.42
CA HIS B 114 7.35 -6.60 -4.51
C HIS B 114 7.84 -7.44 -3.31
N GLY B 115 9.11 -7.83 -3.33
CA GLY B 115 9.70 -8.71 -2.30
C GLY B 115 9.55 -10.16 -2.65
N GLU B 116 9.78 -11.05 -1.69
CA GLU B 116 9.86 -12.50 -1.96
C GLU B 116 8.63 -13.18 -1.39
N THR B 117 7.98 -14.04 -2.18
CA THR B 117 6.90 -14.94 -1.72
C THR B 117 7.48 -15.94 -0.71
N PRO B 118 6.73 -16.34 0.33
CA PRO B 118 5.32 -16.00 0.46
C PRO B 118 5.08 -14.75 1.32
N ARG B 119 6.06 -13.85 1.41
CA ARG B 119 5.95 -12.62 2.25
C ARG B 119 6.06 -11.38 1.37
N ALA B 120 5.61 -11.47 0.11
CA ALA B 120 5.49 -10.31 -0.80
C ALA B 120 4.48 -9.32 -0.20
N THR B 121 4.74 -8.01 -0.29
CA THR B 121 3.88 -6.92 0.23
C THR B 121 3.62 -5.85 -0.82
N THR B 122 2.52 -5.09 -0.64
CA THR B 122 2.09 -3.98 -1.52
C THR B 122 2.88 -2.69 -1.24
N ASP B 123 3.15 -1.94 -2.29
CA ASP B 123 3.89 -0.67 -2.26
C ASP B 123 3.23 0.23 -3.30
N SER B 124 3.28 1.55 -3.14
CA SER B 124 2.65 2.50 -4.09
C SER B 124 3.71 3.20 -4.95
N SER B 125 3.26 3.87 -6.02
CA SER B 125 4.00 4.85 -6.86
C SER B 125 3.08 6.03 -7.14
N ASN B 126 3.51 7.27 -6.98
CA ASN B 126 2.59 8.41 -7.22
C ASN B 126 2.54 8.71 -8.71
N THR B 127 1.45 9.35 -9.12
CA THR B 127 1.16 9.92 -10.46
C THR B 127 0.14 11.04 -10.22
N ALA B 128 0.17 12.08 -11.05
CA ALA B 128 -0.85 13.15 -11.07
C ALA B 128 -1.72 12.97 -12.32
N ASP B 129 -1.70 11.79 -12.92
CA ASP B 129 -2.57 11.42 -14.06
C ASP B 129 -2.85 9.89 -14.00
N LEU B 130 -3.49 9.46 -12.91
CA LEU B 130 -3.83 8.04 -12.65
C LEU B 130 -4.94 7.55 -13.60
N ASN B 131 -5.86 8.43 -14.01
CA ASN B 131 -7.01 8.04 -14.86
C ASN B 131 -6.67 8.00 -16.36
N ASN B 132 -5.42 8.16 -16.79
CA ASN B 132 -5.03 7.96 -18.20
C ASN B 132 -3.93 6.90 -18.30
N ILE B 133 -3.77 6.05 -17.28
CA ILE B 133 -2.73 4.98 -17.33
C ILE B 133 -3.38 3.74 -17.95
N SER B 134 -2.98 3.46 -19.19
CA SER B 134 -3.34 2.25 -19.98
C SER B 134 -2.18 1.24 -19.91
N ILE B 135 -2.42 -0.01 -20.28
CA ILE B 135 -1.47 -1.13 -20.01
C ILE B 135 -1.64 -2.21 -21.07
N ILE B 136 -0.55 -2.55 -21.74
CA ILE B 136 -0.46 -3.74 -22.63
C ILE B 136 -0.06 -4.92 -21.75
N ILE B 137 -0.97 -5.87 -21.53
CA ILE B 137 -0.71 -7.11 -20.74
C ILE B 137 -0.45 -8.27 -21.71
N HIS B 138 0.60 -9.05 -21.47
CA HIS B 138 1.17 -10.06 -22.42
C HIS B 138 0.76 -11.48 -22.03
N SER B 139 0.25 -11.68 -20.81
CA SER B 139 -0.27 -12.99 -20.35
C SER B 139 -1.75 -12.87 -19.97
N GLU B 140 -2.38 -14.02 -19.69
CA GLU B 140 -3.77 -14.13 -19.16
C GLU B 140 -3.80 -13.38 -17.82
N PHE B 141 -4.87 -12.63 -17.54
CA PHE B 141 -5.00 -11.94 -16.24
C PHE B 141 -6.39 -12.15 -15.66
N TYR B 142 -6.50 -11.95 -14.35
CA TYR B 142 -7.74 -12.09 -13.55
C TYR B 142 -8.05 -10.72 -12.95
N ILE B 143 -9.32 -10.38 -12.82
CA ILE B 143 -9.72 -9.12 -12.14
C ILE B 143 -10.26 -9.49 -10.74
N ILE B 144 -9.73 -8.82 -9.70
CA ILE B 144 -10.17 -8.98 -8.29
C ILE B 144 -10.59 -7.61 -7.78
N PRO B 145 -11.79 -7.50 -7.13
CA PRO B 145 -12.22 -6.26 -6.48
C PRO B 145 -11.41 -6.00 -5.20
N ARG B 146 -11.28 -4.74 -4.80
CA ARG B 146 -10.60 -4.38 -3.53
C ARG B 146 -11.36 -5.08 -2.40
N SER B 147 -12.68 -5.10 -2.52
CA SER B 147 -13.61 -5.79 -1.59
C SER B 147 -13.12 -7.21 -1.29
N GLN B 148 -12.29 -7.82 -2.16
CA GLN B 148 -11.81 -9.23 -2.04
C GLN B 148 -10.28 -9.29 -2.04
N GLU B 149 -9.60 -8.19 -1.73
CA GLU B 149 -8.11 -8.08 -1.92
C GLU B 149 -7.32 -8.92 -0.92
N SER B 150 -7.95 -9.55 0.09
CA SER B 150 -7.31 -10.63 0.89
C SER B 150 -7.00 -11.81 -0.03
N LYS B 151 -7.88 -12.06 -1.01
CA LYS B 151 -7.74 -13.15 -2.02
C LYS B 151 -6.56 -12.82 -2.95
N CYS B 152 -6.43 -11.57 -3.41
CA CYS B 152 -5.31 -11.13 -4.28
C CYS B 152 -4.01 -11.46 -3.57
N ASN B 153 -3.98 -11.24 -2.25
CA ASN B 153 -2.77 -11.47 -1.42
C ASN B 153 -2.44 -12.96 -1.39
N GLU B 154 -3.44 -13.79 -1.08
CA GLU B 154 -3.27 -15.25 -0.95
C GLU B 154 -2.72 -15.80 -2.27
N TYR B 155 -3.11 -15.23 -3.42
CA TYR B 155 -2.73 -15.73 -4.76
C TYR B 155 -1.29 -15.33 -5.11
N ILE B 156 -0.89 -14.07 -4.87
CA ILE B 156 0.50 -13.60 -5.13
C ILE B 156 1.48 -14.53 -4.39
N ASN B 157 1.18 -14.84 -3.12
CA ASN B 157 2.13 -15.50 -2.18
C ASN B 157 1.95 -17.02 -2.14
N ASN B 158 0.81 -17.57 -2.55
CA ASN B 158 0.48 -19.04 -2.49
C ASN B 158 -0.03 -19.63 -3.83
N GLY B 159 -0.22 -18.82 -4.87
CA GLY B 159 -0.54 -19.30 -6.23
C GLY B 159 -2.04 -19.47 -6.47
#